data_9KBC
#
_entry.id   9KBC
#
_cell.length_a   75.013
_cell.length_b   61.597
_cell.length_c   60.650
_cell.angle_alpha   90.00
_cell.angle_beta   92.22
_cell.angle_gamma   90.00
#
_symmetry.space_group_name_H-M   'C 1 2 1'
#
loop_
_entity.id
_entity.type
_entity.pdbx_description
1 polymer '3-hydroxyisobutyrate dehydrogenase'
2 water water
#
_entity_poly.entity_id   1
_entity_poly.type   'polypeptide(L)'
_entity_poly.pdbx_seq_one_letter_code
;RRPVTVLGLGAMGRALAGALVAAGHPTTVWNRTPGRAAALTAAGATEAGTAAEAVAAGDLVVVCLLDDEVTRQVLALVAP
VLAGRTLVNLTNGTPEQARRLAEWATSHGADHLDGGIMAVPAMIGQPGALILYSGPEDVFRAGRETLAAFGAAHWLGADP
GAAALHDLALLAAMYGMFGGYLHAVAMIRAAGVPATGFTPLATDWLTAMLGALPALARGVDSGDHAADGSAVGMQAAAFG
NLLAASREGGVSTSLLEPVRRLLDDAVRAGHGADGLSALVDLLRQS
;
_entity_poly.pdbx_strand_id   A
#
# COMPACT_ATOMS: atom_id res chain seq x y z
N ARG A 1 14.26 -8.06 -22.46
CA ARG A 1 15.56 -8.69 -22.67
C ARG A 1 16.44 -8.36 -21.48
N ARG A 2 16.09 -7.27 -20.81
CA ARG A 2 16.91 -6.75 -19.74
C ARG A 2 16.98 -7.80 -18.63
N PRO A 3 18.17 -8.30 -18.28
CA PRO A 3 18.25 -9.33 -17.25
C PRO A 3 17.75 -8.80 -15.92
N VAL A 4 16.99 -9.63 -15.22
CA VAL A 4 16.36 -9.21 -13.96
C VAL A 4 16.73 -10.20 -12.88
N THR A 5 16.71 -9.70 -11.64
CA THR A 5 17.01 -10.47 -10.45
C THR A 5 15.92 -10.21 -9.41
N VAL A 6 15.50 -11.27 -8.74
CA VAL A 6 14.52 -11.18 -7.66
C VAL A 6 15.16 -11.72 -6.38
N LEU A 7 15.23 -10.87 -5.36
CA LEU A 7 15.76 -11.24 -4.06
C LEU A 7 14.58 -11.41 -3.10
N GLY A 8 14.33 -12.65 -2.68
CA GLY A 8 13.20 -12.94 -1.81
C GLY A 8 12.13 -13.74 -2.52
N LEU A 9 11.87 -14.95 -2.05
CA LEU A 9 10.98 -15.88 -2.74
C LEU A 9 9.81 -16.32 -1.85
N GLY A 10 9.25 -15.38 -1.10
CA GLY A 10 7.96 -15.61 -0.50
C GLY A 10 6.89 -15.71 -1.57
N ALA A 11 5.63 -15.65 -1.12
CA ALA A 11 4.52 -15.66 -2.07
C ALA A 11 4.63 -14.52 -3.07
N MET A 12 4.90 -13.31 -2.56
CA MET A 12 4.99 -12.15 -3.44
C MET A 12 6.22 -12.24 -4.35
N GLY A 13 7.38 -12.57 -3.78
CA GLY A 13 8.58 -12.68 -4.60
C GLY A 13 8.46 -13.75 -5.68
N ARG A 14 7.85 -14.88 -5.35
CA ARG A 14 7.61 -15.92 -6.33
C ARG A 14 6.65 -15.45 -7.42
N ALA A 15 5.61 -14.72 -7.01
CA ALA A 15 4.67 -14.18 -7.99
C ALA A 15 5.37 -13.19 -8.92
N LEU A 16 6.21 -12.33 -8.34
CA LEU A 16 6.96 -11.36 -9.13
C LEU A 16 7.89 -12.06 -10.10
N ALA A 17 8.64 -13.06 -9.60
CA ALA A 17 9.58 -13.78 -10.46
C ALA A 17 8.85 -14.54 -11.56
N GLY A 18 7.70 -15.12 -11.24
CA GLY A 18 6.95 -15.85 -12.24
C GLY A 18 6.44 -14.96 -13.35
N ALA A 19 5.92 -13.78 -12.99
CA ALA A 19 5.51 -12.82 -14.00
C ALA A 19 6.68 -12.40 -14.89
N LEU A 20 7.87 -12.31 -14.29
CA LEU A 20 9.03 -11.87 -15.05
C LEU A 20 9.43 -12.92 -16.10
N VAL A 21 9.46 -14.19 -15.71
CA VAL A 21 9.84 -15.23 -16.67
C VAL A 21 8.76 -15.38 -17.73
N ALA A 22 7.49 -15.23 -17.34
CA ALA A 22 6.40 -15.41 -18.30
C ALA A 22 6.36 -14.27 -19.31
N ALA A 23 6.87 -13.10 -18.97
CA ALA A 23 7.02 -12.01 -19.93
C ALA A 23 8.27 -12.15 -20.78
N GLY A 24 9.06 -13.20 -20.57
CA GLY A 24 10.25 -13.45 -21.36
C GLY A 24 11.54 -12.91 -20.78
N HIS A 25 11.51 -12.28 -19.62
CA HIS A 25 12.72 -11.68 -19.07
C HIS A 25 13.65 -12.76 -18.51
N PRO A 26 14.94 -12.72 -18.84
CA PRO A 26 15.89 -13.63 -18.18
C PRO A 26 16.00 -13.33 -16.70
N THR A 27 15.53 -14.25 -15.87
CA THR A 27 15.33 -13.98 -14.44
C THR A 27 16.19 -14.89 -13.60
N THR A 28 16.94 -14.29 -12.69
CA THR A 28 17.75 -15.02 -11.71
C THR A 28 17.22 -14.71 -10.32
N VAL A 29 17.00 -15.75 -9.52
CA VAL A 29 16.31 -15.61 -8.25
C VAL A 29 17.20 -16.08 -7.10
N TRP A 30 16.89 -15.57 -5.92
CA TRP A 30 17.62 -15.97 -4.71
C TRP A 30 16.67 -15.88 -3.52
N ASN A 31 16.97 -16.69 -2.51
CA ASN A 31 16.22 -16.68 -1.26
C ASN A 31 17.10 -17.28 -0.18
N ARG A 32 16.90 -16.83 1.06
CA ARG A 32 17.66 -17.30 2.20
C ARG A 32 17.23 -18.69 2.67
N THR A 33 16.37 -19.37 1.93
CA THR A 33 15.92 -20.72 2.24
C THR A 33 15.76 -21.45 0.92
N PRO A 34 16.27 -22.68 0.82
CA PRO A 34 16.29 -23.36 -0.48
C PRO A 34 14.97 -24.08 -0.77
N GLY A 35 14.86 -24.52 -2.02
CA GLY A 35 13.70 -25.27 -2.47
C GLY A 35 12.53 -24.44 -2.94
N ARG A 36 12.59 -23.12 -2.77
CA ARG A 36 11.47 -22.25 -3.14
C ARG A 36 11.41 -21.96 -4.63
N ALA A 37 12.46 -22.29 -5.38
CA ALA A 37 12.57 -21.88 -6.78
C ALA A 37 12.33 -23.04 -7.75
N ALA A 38 11.60 -24.07 -7.32
CA ALA A 38 11.49 -25.28 -8.14
C ALA A 38 10.70 -25.03 -9.43
N ALA A 39 9.46 -24.54 -9.30
CA ALA A 39 8.67 -24.25 -10.49
C ALA A 39 9.27 -23.11 -11.29
N LEU A 40 10.02 -22.23 -10.63
CA LEU A 40 10.68 -21.13 -11.33
C LEU A 40 11.75 -21.67 -12.28
N THR A 41 12.60 -22.56 -11.78
CA THR A 41 13.64 -23.18 -12.60
C THR A 41 13.04 -23.89 -13.81
N ALA A 42 11.95 -24.62 -13.60
CA ALA A 42 11.34 -25.35 -14.71
C ALA A 42 10.89 -24.40 -15.81
N ALA A 43 10.34 -23.24 -15.42
CA ALA A 43 9.89 -22.26 -16.40
C ALA A 43 11.04 -21.48 -17.04
N GLY A 44 12.26 -21.63 -16.53
CA GLY A 44 13.40 -21.01 -17.19
C GLY A 44 14.22 -20.10 -16.30
N ALA A 45 13.94 -20.07 -15.00
CA ALA A 45 14.66 -19.21 -14.09
C ALA A 45 15.95 -19.88 -13.62
N THR A 46 16.93 -19.06 -13.29
CA THR A 46 18.18 -19.52 -12.71
C THR A 46 18.19 -19.19 -11.23
N GLU A 47 18.49 -20.18 -10.39
CA GLU A 47 18.60 -19.98 -8.96
C GLU A 47 20.07 -19.80 -8.60
N ALA A 48 20.40 -18.65 -8.02
CA ALA A 48 21.76 -18.37 -7.60
C ALA A 48 21.96 -18.80 -6.15
N GLY A 49 23.22 -19.04 -5.81
CA GLY A 49 23.55 -19.55 -4.50
C GLY A 49 23.74 -18.47 -3.45
N THR A 50 24.15 -17.28 -3.89
CA THR A 50 24.32 -16.15 -3.02
C THR A 50 23.54 -14.96 -3.55
N ALA A 51 23.13 -14.07 -2.63
CA ALA A 51 22.48 -12.83 -3.07
C ALA A 51 23.42 -12.01 -3.96
N ALA A 52 24.72 -12.03 -3.65
CA ALA A 52 25.68 -11.30 -4.47
C ALA A 52 25.69 -11.81 -5.90
N GLU A 53 25.72 -13.13 -6.08
CA GLU A 53 25.66 -13.71 -7.41
C GLU A 53 24.38 -13.28 -8.14
N ALA A 54 23.25 -13.30 -7.43
CA ALA A 54 21.99 -12.90 -8.04
C ALA A 54 22.04 -11.45 -8.51
N VAL A 55 22.61 -10.58 -7.67
CA VAL A 55 22.68 -9.17 -8.01
C VAL A 55 23.57 -8.95 -9.22
N ALA A 56 24.70 -9.66 -9.27
CA ALA A 56 25.61 -9.53 -10.41
C ALA A 56 25.01 -10.07 -11.70
N ALA A 57 23.92 -10.83 -11.63
CA ALA A 57 23.25 -11.38 -12.80
C ALA A 57 22.11 -10.50 -13.28
N GLY A 58 21.87 -9.36 -12.66
CA GLY A 58 20.75 -8.52 -12.99
C GLY A 58 21.13 -7.07 -13.14
N ASP A 59 20.56 -6.42 -14.14
CA ASP A 59 20.65 -4.97 -14.26
C ASP A 59 19.57 -4.29 -13.44
N LEU A 60 18.38 -4.89 -13.40
CA LEU A 60 17.30 -4.50 -12.51
C LEU A 60 17.20 -5.51 -11.37
N VAL A 61 17.35 -5.04 -10.13
CA VAL A 61 17.39 -5.91 -8.96
C VAL A 61 16.11 -5.67 -8.17
N VAL A 62 15.17 -6.60 -8.27
CA VAL A 62 13.91 -6.52 -7.55
C VAL A 62 14.09 -7.16 -6.17
N VAL A 63 13.83 -6.40 -5.12
CA VAL A 63 13.94 -6.87 -3.74
C VAL A 63 12.55 -6.94 -3.15
N CYS A 64 12.18 -8.12 -2.64
CA CYS A 64 10.88 -8.35 -2.03
C CYS A 64 11.08 -9.29 -0.84
N LEU A 65 11.63 -8.75 0.24
CA LEU A 65 11.93 -9.53 1.43
C LEU A 65 10.88 -9.27 2.51
N LEU A 66 11.12 -9.83 3.70
CA LEU A 66 10.12 -9.76 4.76
C LEU A 66 9.90 -8.33 5.23
N ASP A 67 10.99 -7.61 5.52
CA ASP A 67 10.87 -6.23 5.95
C ASP A 67 12.19 -5.51 5.69
N ASP A 68 12.24 -4.23 6.08
CA ASP A 68 13.38 -3.40 5.76
C ASP A 68 14.65 -3.83 6.49
N GLU A 69 14.51 -4.44 7.67
CA GLU A 69 15.70 -4.93 8.38
C GLU A 69 16.36 -6.06 7.59
N VAL A 70 15.57 -7.04 7.16
CA VAL A 70 16.08 -8.08 6.28
C VAL A 70 16.69 -7.46 5.04
N THR A 71 16.03 -6.45 4.47
CA THR A 71 16.53 -5.78 3.28
C THR A 71 17.87 -5.10 3.55
N ARG A 72 17.96 -4.38 4.67
CA ARG A 72 19.21 -3.69 5.00
C ARG A 72 20.35 -4.66 5.26
N GLN A 73 20.03 -5.89 5.68
CA GLN A 73 21.07 -6.87 5.97
C GLN A 73 21.57 -7.52 4.68
N VAL A 74 20.65 -8.06 3.89
CA VAL A 74 21.04 -8.75 2.66
C VAL A 74 21.75 -7.79 1.72
N LEU A 75 21.31 -6.53 1.67
CA LEU A 75 21.89 -5.57 0.72
C LEU A 75 23.29 -5.14 1.15
N ALA A 76 23.50 -4.90 2.45
CA ALA A 76 24.83 -4.58 2.93
C ALA A 76 25.85 -5.63 2.49
N LEU A 77 25.41 -6.88 2.35
CA LEU A 77 26.29 -7.94 1.88
C LEU A 77 26.63 -7.78 0.40
N VAL A 78 25.67 -7.34 -0.42
CA VAL A 78 25.87 -7.27 -1.86
C VAL A 78 26.28 -5.86 -2.25
N ALA A 79 26.63 -5.04 -1.26
CA ALA A 79 26.98 -3.64 -1.52
C ALA A 79 28.11 -3.45 -2.53
N PRO A 80 29.16 -4.29 -2.58
CA PRO A 80 30.22 -4.00 -3.57
C PRO A 80 29.79 -4.26 -5.01
N VAL A 81 28.74 -5.03 -5.26
CA VAL A 81 28.35 -5.36 -6.62
C VAL A 81 27.07 -4.63 -7.04
N LEU A 82 26.64 -3.62 -6.30
CA LEU A 82 25.47 -2.85 -6.70
C LEU A 82 25.80 -1.80 -7.75
N ALA A 83 27.07 -1.47 -7.93
CA ALA A 83 27.46 -0.40 -8.84
C ALA A 83 26.90 -0.64 -10.25
N GLY A 84 26.27 0.40 -10.80
CA GLY A 84 25.73 0.34 -12.15
C GLY A 84 24.37 -0.28 -12.28
N ARG A 85 23.83 -0.85 -11.21
CA ARG A 85 22.54 -1.54 -11.24
C ARG A 85 21.44 -0.63 -10.71
N THR A 86 20.21 -1.04 -10.96
CA THR A 86 19.03 -0.33 -10.47
C THR A 86 18.33 -1.19 -9.44
N LEU A 87 18.16 -0.65 -8.24
CA LEU A 87 17.52 -1.35 -7.14
C LEU A 87 16.04 -0.98 -7.10
N VAL A 88 15.19 -2.00 -7.17
CA VAL A 88 13.74 -1.81 -7.10
C VAL A 88 13.27 -2.44 -5.80
N ASN A 89 13.00 -1.61 -4.80
CA ASN A 89 12.58 -2.08 -3.49
C ASN A 89 11.06 -2.24 -3.50
N LEU A 90 10.61 -3.49 -3.57
CA LEU A 90 9.19 -3.82 -3.44
C LEU A 90 8.85 -4.32 -2.04
N THR A 91 9.81 -4.31 -1.13
CA THR A 91 9.59 -4.75 0.24
C THR A 91 8.69 -3.78 0.99
N ASN A 92 7.69 -4.31 1.68
CA ASN A 92 6.81 -3.46 2.46
C ASN A 92 7.60 -2.77 3.57
N GLY A 93 7.45 -1.45 3.64
CA GLY A 93 8.17 -0.67 4.61
C GLY A 93 7.59 0.72 4.74
N THR A 94 8.35 1.59 5.39
CA THR A 94 7.91 2.95 5.64
C THR A 94 8.56 3.92 4.67
N PRO A 95 7.99 5.11 4.50
CA PRO A 95 8.63 6.11 3.61
C PRO A 95 10.04 6.47 4.06
N GLU A 96 10.27 6.59 5.36
CA GLU A 96 11.61 6.92 5.85
C GLU A 96 12.59 5.80 5.58
N GLN A 97 12.15 4.54 5.75
CA GLN A 97 12.99 3.41 5.39
C GLN A 97 13.37 3.46 3.92
N ALA A 98 12.40 3.78 3.06
CA ALA A 98 12.65 3.88 1.62
C ALA A 98 13.67 4.96 1.31
N ARG A 99 13.54 6.12 1.97
CA ARG A 99 14.43 7.24 1.68
C ARG A 99 15.85 6.94 2.14
N ARG A 100 16.01 6.23 3.25
CA ARG A 100 17.34 5.87 3.71
C ARG A 100 17.98 4.84 2.79
N LEU A 101 17.19 3.85 2.35
CA LEU A 101 17.71 2.86 1.41
C LEU A 101 18.11 3.51 0.09
N ALA A 102 17.35 4.52 -0.34
CA ALA A 102 17.71 5.25 -1.56
C ALA A 102 19.07 5.91 -1.42
N GLU A 103 19.33 6.52 -0.26
CA GLU A 103 20.61 7.18 -0.04
C GLU A 103 21.75 6.18 0.01
N TRP A 104 21.51 5.03 0.65
CA TRP A 104 22.50 3.97 0.70
C TRP A 104 22.80 3.45 -0.70
N ALA A 105 21.77 3.25 -1.51
CA ALA A 105 21.98 2.76 -2.88
C ALA A 105 22.79 3.75 -3.71
N THR A 106 22.48 5.04 -3.60
CA THR A 106 23.23 6.04 -4.35
C THR A 106 24.68 6.09 -3.90
N SER A 107 24.92 5.96 -2.58
CA SER A 107 26.27 5.94 -2.06
C SER A 107 27.06 4.72 -2.53
N HIS A 108 26.39 3.68 -3.02
CA HIS A 108 27.04 2.50 -3.55
C HIS A 108 26.93 2.41 -5.08
N GLY A 109 26.67 3.53 -5.74
CA GLY A 109 26.73 3.57 -7.20
C GLY A 109 25.54 2.96 -7.90
N ALA A 110 24.39 2.87 -7.24
CA ALA A 110 23.22 2.24 -7.82
C ALA A 110 22.08 3.25 -7.94
N ASP A 111 21.28 3.07 -8.99
CA ASP A 111 20.02 3.76 -9.10
C ASP A 111 18.99 3.09 -8.19
N HIS A 112 17.94 3.82 -7.84
CA HIS A 112 16.98 3.33 -6.86
CA HIS A 112 16.97 3.29 -6.89
C HIS A 112 15.56 3.69 -7.29
N LEU A 113 14.63 2.76 -7.09
CA LEU A 113 13.21 2.90 -7.34
C LEU A 113 12.47 2.16 -6.24
N ASP A 114 11.41 2.77 -5.71
CA ASP A 114 10.60 2.12 -4.69
C ASP A 114 9.22 1.79 -5.24
N GLY A 115 8.65 0.72 -4.72
CA GLY A 115 7.36 0.26 -5.18
C GLY A 115 6.46 -0.17 -4.06
N GLY A 116 5.19 0.25 -4.14
CA GLY A 116 4.17 -0.20 -3.23
C GLY A 116 3.17 -1.09 -3.97
N ILE A 117 3.17 -2.38 -3.63
CA ILE A 117 2.34 -3.34 -4.35
C ILE A 117 0.93 -3.30 -3.77
N MET A 118 -0.03 -2.92 -4.61
CA MET A 118 -1.45 -2.88 -4.24
C MET A 118 -2.21 -4.14 -4.64
N ALA A 119 -1.51 -5.18 -5.10
CA ALA A 119 -2.16 -6.39 -5.56
C ALA A 119 -1.75 -7.56 -4.67
N VAL A 120 -2.63 -8.55 -4.57
CA VAL A 120 -2.32 -9.79 -3.87
C VAL A 120 -1.40 -10.61 -4.75
N PRO A 121 -0.56 -11.49 -4.19
CA PRO A 121 0.37 -12.27 -5.04
C PRO A 121 -0.30 -12.99 -6.19
N ALA A 122 -1.52 -13.50 -5.98
CA ALA A 122 -2.23 -14.21 -7.04
C ALA A 122 -2.61 -13.31 -8.21
N MET A 123 -2.68 -12.00 -8.00
CA MET A 123 -3.04 -11.07 -9.06
C MET A 123 -1.82 -10.48 -9.78
N ILE A 124 -0.61 -10.78 -9.32
CA ILE A 124 0.59 -10.24 -9.96
C ILE A 124 0.67 -10.77 -11.40
N GLY A 125 0.90 -9.86 -12.34
CA GLY A 125 1.02 -10.20 -13.73
C GLY A 125 -0.26 -10.05 -14.54
N GLN A 126 -1.41 -10.00 -13.88
CA GLN A 126 -2.68 -9.87 -14.57
C GLN A 126 -2.99 -8.42 -14.87
N PRO A 127 -3.83 -8.15 -15.87
CA PRO A 127 -4.38 -6.80 -16.02
C PRO A 127 -5.21 -6.44 -14.80
N GLY A 128 -4.97 -5.25 -14.25
CA GLY A 128 -5.64 -4.79 -13.06
C GLY A 128 -4.77 -4.73 -11.82
N ALA A 129 -3.71 -5.55 -11.77
CA ALA A 129 -2.78 -5.47 -10.66
C ALA A 129 -2.06 -4.13 -10.67
N LEU A 130 -2.05 -3.44 -9.54
CA LEU A 130 -1.52 -2.09 -9.44
C LEU A 130 -0.30 -2.07 -8.52
N ILE A 131 0.80 -1.49 -9.00
CA ILE A 131 1.96 -1.20 -8.17
C ILE A 131 2.33 0.26 -8.36
N LEU A 132 2.45 0.99 -7.25
CA LEU A 132 2.87 2.39 -7.27
C LEU A 132 4.38 2.48 -7.16
N TYR A 133 4.97 3.42 -7.88
CA TYR A 133 6.41 3.58 -7.92
C TYR A 133 6.80 5.03 -7.65
N SER A 134 7.99 5.22 -7.08
CA SER A 134 8.52 6.55 -6.85
C SER A 134 10.04 6.49 -6.93
N GLY A 135 10.64 7.64 -7.27
CA GLY A 135 12.06 7.72 -7.53
C GLY A 135 12.32 8.54 -8.77
N PRO A 136 13.59 8.62 -9.18
CA PRO A 136 13.92 9.42 -10.38
C PRO A 136 13.13 8.94 -11.58
N GLU A 137 12.49 9.90 -12.28
CA GLU A 137 11.59 9.55 -13.36
C GLU A 137 12.28 8.76 -14.46
N ASP A 138 13.54 9.09 -14.74
CA ASP A 138 14.26 8.39 -15.80
C ASP A 138 14.61 6.97 -15.40
N VAL A 139 14.87 6.74 -14.11
CA VAL A 139 15.03 5.37 -13.62
C VAL A 139 13.74 4.58 -13.83
N PHE A 140 12.61 5.22 -13.55
CA PHE A 140 11.32 4.57 -13.79
C PHE A 140 11.11 4.30 -15.27
N ARG A 141 11.47 5.26 -16.14
CA ARG A 141 11.28 5.09 -17.58
C ARG A 141 12.07 3.89 -18.10
N ALA A 142 13.34 3.79 -17.72
CA ALA A 142 14.18 2.69 -18.22
C ALA A 142 13.69 1.34 -17.74
N GLY A 143 13.01 1.29 -16.59
CA GLY A 143 12.51 0.04 -16.05
C GLY A 143 11.04 -0.23 -16.29
N ARG A 144 10.32 0.71 -16.89
CA ARG A 144 8.86 0.61 -16.99
C ARG A 144 8.41 -0.66 -17.71
N GLU A 145 9.00 -0.94 -18.88
CA GLU A 145 8.60 -2.11 -19.63
C GLU A 145 8.80 -3.38 -18.83
N THR A 146 9.84 -3.44 -18.00
CA THR A 146 10.06 -4.58 -17.14
C THR A 146 9.05 -4.63 -16.00
N LEU A 147 8.78 -3.48 -15.38
CA LEU A 147 7.80 -3.43 -14.30
C LEU A 147 6.40 -3.76 -14.79
N ALA A 148 6.13 -3.53 -16.08
CA ALA A 148 4.82 -3.83 -16.64
C ALA A 148 4.50 -5.32 -16.62
N ALA A 149 5.52 -6.17 -16.45
CA ALA A 149 5.27 -7.60 -16.33
C ALA A 149 4.49 -7.92 -15.06
N PHE A 150 4.61 -7.09 -14.02
CA PHE A 150 3.86 -7.28 -12.80
C PHE A 150 2.41 -6.80 -12.92
N GLY A 151 2.14 -5.88 -13.85
CA GLY A 151 0.83 -5.29 -13.99
C GLY A 151 0.94 -3.81 -14.30
N ALA A 152 0.05 -3.00 -13.73
CA ALA A 152 0.10 -1.56 -13.95
C ALA A 152 1.20 -0.94 -13.09
N ALA A 153 1.91 0.02 -13.67
CA ALA A 153 3.01 0.72 -12.99
C ALA A 153 2.71 2.21 -13.01
N HIS A 154 2.39 2.76 -11.84
CA HIS A 154 2.02 4.17 -11.71
C HIS A 154 3.12 4.92 -10.96
N TRP A 155 3.84 5.78 -11.67
CA TRP A 155 4.89 6.60 -11.05
C TRP A 155 4.27 7.81 -10.37
N LEU A 156 4.64 8.02 -9.10
CA LEU A 156 4.03 9.04 -8.26
C LEU A 156 4.88 10.28 -8.06
N GLY A 157 6.17 10.22 -8.33
CA GLY A 157 7.04 11.36 -8.10
C GLY A 157 8.43 10.90 -7.68
N ALA A 158 9.30 11.89 -7.51
CA ALA A 158 10.72 11.61 -7.30
C ALA A 158 11.05 11.17 -5.87
N ASP A 159 10.20 11.51 -4.89
CA ASP A 159 10.46 11.16 -3.51
C ASP A 159 10.53 9.65 -3.36
N PRO A 160 11.66 9.08 -2.93
CA PRO A 160 11.73 7.61 -2.76
C PRO A 160 10.68 7.07 -1.79
N GLY A 161 10.23 7.87 -0.83
CA GLY A 161 9.23 7.43 0.11
C GLY A 161 7.80 7.60 -0.33
N ALA A 162 7.58 8.14 -1.54
CA ALA A 162 6.23 8.46 -1.99
C ALA A 162 5.42 7.21 -2.30
N ALA A 163 6.05 6.15 -2.82
CA ALA A 163 5.32 4.93 -3.12
C ALA A 163 4.76 4.30 -1.87
N ALA A 164 5.61 4.11 -0.85
CA ALA A 164 5.14 3.54 0.41
C ALA A 164 4.13 4.45 1.08
N LEU A 165 4.33 5.77 0.98
CA LEU A 165 3.41 6.72 1.58
C LEU A 165 2.00 6.56 1.02
N HIS A 166 1.87 6.54 -0.31
CA HIS A 166 0.55 6.43 -0.90
C HIS A 166 -0.02 5.03 -0.75
N ASP A 167 0.84 4.00 -0.85
CA ASP A 167 0.43 2.63 -0.57
C ASP A 167 -0.26 2.54 0.78
N LEU A 168 0.45 2.92 1.85
CA LEU A 168 -0.09 2.77 3.19
C LEU A 168 -1.27 3.69 3.43
N ALA A 169 -1.27 4.89 2.82
CA ALA A 169 -2.41 5.78 2.92
C ALA A 169 -3.66 5.13 2.32
N LEU A 170 -3.52 4.55 1.12
CA LEU A 170 -4.64 3.84 0.52
C LEU A 170 -5.08 2.66 1.39
N LEU A 171 -4.12 1.97 2.02
CA LEU A 171 -4.48 0.88 2.92
C LEU A 171 -5.31 1.38 4.10
N ALA A 172 -4.95 2.54 4.65
CA ALA A 172 -5.72 3.12 5.75
C ALA A 172 -7.16 3.38 5.33
N ALA A 173 -7.33 3.97 4.14
CA ALA A 173 -8.67 4.23 3.63
C ALA A 173 -9.46 2.94 3.44
N MET A 174 -8.80 1.89 2.94
CA MET A 174 -9.47 0.61 2.73
C MET A 174 -9.88 -0.03 4.04
N TYR A 175 -8.98 -0.02 5.04
CA TYR A 175 -9.31 -0.61 6.34
C TYR A 175 -10.47 0.12 7.01
N GLY A 176 -10.54 1.44 6.83
CA GLY A 176 -11.67 2.18 7.37
C GLY A 176 -12.98 1.78 6.72
N MET A 177 -13.02 1.79 5.39
CA MET A 177 -14.20 1.29 4.66
C MET A 177 -14.61 -0.09 5.13
N PHE A 178 -13.67 -1.03 5.11
CA PHE A 178 -14.03 -2.41 5.42
C PHE A 178 -14.49 -2.54 6.87
N GLY A 179 -13.78 -1.89 7.79
CA GLY A 179 -14.21 -1.91 9.18
C GLY A 179 -15.62 -1.39 9.37
N GLY A 180 -15.95 -0.29 8.71
CA GLY A 180 -17.31 0.24 8.79
C GLY A 180 -18.33 -0.67 8.13
N TYR A 181 -17.97 -1.25 6.99
CA TYR A 181 -18.87 -2.20 6.34
C TYR A 181 -19.06 -3.44 7.20
N LEU A 182 -17.98 -3.96 7.78
CA LEU A 182 -18.08 -5.16 8.62
C LEU A 182 -18.96 -4.90 9.83
N HIS A 183 -18.85 -3.72 10.43
CA HIS A 183 -19.73 -3.37 11.54
C HIS A 183 -21.18 -3.33 11.08
N ALA A 184 -21.44 -2.67 9.96
CA ALA A 184 -22.80 -2.60 9.42
C ALA A 184 -23.37 -3.99 9.18
N VAL A 185 -22.56 -4.90 8.63
CA VAL A 185 -23.03 -6.26 8.36
C VAL A 185 -23.35 -6.99 9.67
N ALA A 186 -22.53 -6.77 10.70
CA ALA A 186 -22.78 -7.41 11.99
C ALA A 186 -24.10 -6.92 12.59
N MET A 187 -24.39 -5.63 12.46
CA MET A 187 -25.68 -5.09 12.89
C MET A 187 -26.82 -5.73 12.11
N ILE A 188 -26.68 -5.78 10.78
CA ILE A 188 -27.69 -6.39 9.93
C ILE A 188 -27.86 -7.86 10.29
N ARG A 189 -26.74 -8.58 10.40
CA ARG A 189 -26.77 -10.00 10.76
C ARG A 189 -27.49 -10.24 12.08
N ALA A 190 -27.25 -9.37 13.08
CA ALA A 190 -27.86 -9.58 14.40
C ALA A 190 -29.38 -9.51 14.34
N ALA A 191 -29.93 -8.79 13.36
CA ALA A 191 -31.38 -8.71 13.17
C ALA A 191 -31.91 -9.84 12.30
N GLY A 192 -31.05 -10.77 11.88
CA GLY A 192 -31.49 -11.86 11.02
C GLY A 192 -31.65 -11.48 9.57
N VAL A 193 -31.00 -10.43 9.12
CA VAL A 193 -31.14 -9.92 7.75
C VAL A 193 -29.90 -10.36 6.96
N PRO A 194 -30.07 -10.88 5.74
CA PRO A 194 -28.90 -11.35 4.99
C PRO A 194 -27.99 -10.22 4.55
N ALA A 195 -26.68 -10.46 4.64
CA ALA A 195 -25.73 -9.47 4.15
C ALA A 195 -25.81 -9.29 2.64
N THR A 196 -26.18 -10.35 1.91
CA THR A 196 -26.19 -10.29 0.46
C THR A 196 -27.17 -9.24 -0.04
N GLY A 197 -28.39 -9.23 0.50
CA GLY A 197 -29.36 -8.23 0.09
C GLY A 197 -29.04 -6.82 0.56
N PHE A 198 -28.24 -6.70 1.63
CA PHE A 198 -27.87 -5.39 2.15
C PHE A 198 -26.77 -4.75 1.32
N THR A 199 -25.91 -5.56 0.69
CA THR A 199 -24.74 -5.01 0.01
C THR A 199 -25.09 -4.00 -1.08
N PRO A 200 -26.06 -4.25 -1.97
CA PRO A 200 -26.41 -3.20 -2.96
C PRO A 200 -26.73 -1.84 -2.34
N LEU A 201 -27.54 -1.80 -1.28
CA LEU A 201 -27.81 -0.53 -0.62
C LEU A 201 -26.53 0.09 -0.07
N ALA A 202 -25.64 -0.72 0.49
CA ALA A 202 -24.38 -0.20 1.03
C ALA A 202 -23.48 0.35 -0.07
N THR A 203 -23.38 -0.37 -1.20
CA THR A 203 -22.54 0.12 -2.30
C THR A 203 -23.09 1.42 -2.88
N ASP A 204 -24.41 1.52 -3.05
CA ASP A 204 -24.99 2.77 -3.52
C ASP A 204 -24.69 3.91 -2.55
N TRP A 205 -24.86 3.65 -1.25
CA TRP A 205 -24.61 4.67 -0.24
C TRP A 205 -23.13 5.08 -0.23
N LEU A 206 -22.23 4.09 -0.21
CA LEU A 206 -20.81 4.40 -0.14
C LEU A 206 -20.32 5.10 -1.40
N THR A 207 -20.80 4.67 -2.57
CA THR A 207 -20.48 5.38 -3.80
C THR A 207 -20.91 6.84 -3.72
N ALA A 208 -22.10 7.09 -3.18
CA ALA A 208 -22.55 8.48 -2.98
C ALA A 208 -21.62 9.24 -2.05
N MET A 209 -21.17 8.60 -0.97
CA MET A 209 -20.28 9.29 -0.04
C MET A 209 -18.91 9.54 -0.63
N LEU A 210 -18.50 8.78 -1.65
CA LEU A 210 -17.26 9.08 -2.35
C LEU A 210 -17.31 10.45 -3.01
N GLY A 211 -18.51 10.91 -3.36
CA GLY A 211 -18.67 12.23 -3.95
C GLY A 211 -18.34 13.37 -3.01
N ALA A 212 -18.36 13.11 -1.70
CA ALA A 212 -18.03 14.14 -0.72
C ALA A 212 -16.52 14.34 -0.56
N LEU A 213 -15.71 13.41 -1.09
CA LEU A 213 -14.27 13.50 -0.88
C LEU A 213 -13.62 14.74 -1.50
N PRO A 214 -13.94 15.14 -2.74
CA PRO A 214 -13.32 16.38 -3.25
C PRO A 214 -13.58 17.60 -2.40
N ALA A 215 -14.78 17.74 -1.82
CA ALA A 215 -15.06 18.88 -0.95
C ALA A 215 -14.27 18.78 0.34
N LEU A 216 -14.13 17.57 0.90
CA LEU A 216 -13.30 17.40 2.08
C LEU A 216 -11.85 17.78 1.78
N ALA A 217 -11.32 17.36 0.64
CA ALA A 217 -9.94 17.64 0.31
C ALA A 217 -9.69 19.13 0.18
N ARG A 218 -10.63 19.87 -0.42
CA ARG A 218 -10.47 21.31 -0.58
C ARG A 218 -10.43 22.00 0.78
N GLY A 219 -11.33 21.63 1.69
CA GLY A 219 -11.31 22.22 3.02
C GLY A 219 -10.04 21.92 3.78
N VAL A 220 -9.45 20.74 3.57
CA VAL A 220 -8.19 20.41 4.22
C VAL A 220 -7.05 21.26 3.67
N ASP A 221 -7.00 21.41 2.34
CA ASP A 221 -5.89 22.13 1.74
C ASP A 221 -6.01 23.64 1.94
N SER A 222 -7.24 24.16 1.91
CA SER A 222 -7.43 25.59 2.05
C SER A 222 -7.50 26.06 3.50
N GLY A 223 -7.78 25.15 4.44
CA GLY A 223 -8.00 25.53 5.81
C GLY A 223 -9.40 26.03 6.12
N ASP A 224 -10.26 26.16 5.11
CA ASP A 224 -11.65 26.54 5.31
C ASP A 224 -12.46 25.26 5.51
N HIS A 225 -12.78 24.96 6.77
CA HIS A 225 -13.48 23.74 7.11
C HIS A 225 -15.00 23.95 7.12
N ALA A 226 -15.51 24.53 6.05
CA ALA A 226 -16.94 24.80 5.95
C ALA A 226 -17.73 23.50 5.90
N ALA A 227 -18.80 23.46 6.66
CA ALA A 227 -19.65 22.27 6.69
C ALA A 227 -20.33 22.20 5.32
N ASP A 228 -19.91 21.31 4.44
CA ASP A 228 -20.64 21.14 3.14
C ASP A 228 -22.11 20.83 3.41
N GLY A 229 -22.37 19.74 4.12
CA GLY A 229 -23.76 19.37 4.45
C GLY A 229 -23.93 19.20 5.94
N SER A 230 -23.45 18.08 6.47
CA SER A 230 -23.69 17.84 7.92
C SER A 230 -22.48 18.37 8.69
N ALA A 231 -22.74 19.25 9.63
CA ALA A 231 -21.66 19.75 10.49
C ALA A 231 -21.25 18.66 11.49
N VAL A 232 -20.03 18.77 12.02
CA VAL A 232 -19.52 17.77 12.95
C VAL A 232 -20.43 17.64 14.17
N GLY A 233 -20.94 18.77 14.67
CA GLY A 233 -21.75 18.74 15.88
C GLY A 233 -23.04 17.95 15.72
N MET A 234 -23.66 18.05 14.54
CA MET A 234 -24.87 17.26 14.29
C MET A 234 -24.52 15.78 14.17
N GLN A 235 -23.40 15.48 13.51
CA GLN A 235 -22.96 14.10 13.35
C GLN A 235 -22.58 13.47 14.68
N ALA A 236 -22.01 14.27 15.58
CA ALA A 236 -21.70 13.77 16.91
C ALA A 236 -22.97 13.50 17.70
N ALA A 237 -24.02 14.31 17.51
CA ALA A 237 -25.26 14.10 18.25
C ALA A 237 -25.98 12.86 17.78
N ALA A 238 -25.81 12.46 16.51
CA ALA A 238 -26.46 11.28 15.97
C ALA A 238 -25.67 9.99 16.19
N PHE A 239 -24.41 10.09 16.62
CA PHE A 239 -23.59 8.90 16.82
C PHE A 239 -24.10 8.06 17.97
N GLY A 240 -24.70 8.69 18.97
CA GLY A 240 -25.14 7.95 20.14
C GLY A 240 -26.15 6.86 19.81
N ASN A 241 -27.06 7.14 18.88
CA ASN A 241 -28.05 6.14 18.50
C ASN A 241 -27.40 4.95 17.81
N LEU A 242 -26.36 5.20 17.02
CA LEU A 242 -25.62 4.13 16.38
C LEU A 242 -24.99 3.21 17.43
N LEU A 243 -24.37 3.81 18.46
CA LEU A 243 -23.77 3.02 19.52
C LEU A 243 -24.84 2.25 20.29
N ALA A 244 -25.97 2.90 20.59
CA ALA A 244 -27.04 2.24 21.31
C ALA A 244 -27.62 1.07 20.50
N ALA A 245 -27.87 1.29 19.21
CA ALA A 245 -28.40 0.22 18.38
C ALA A 245 -27.40 -0.93 18.25
N SER A 246 -26.11 -0.62 18.18
CA SER A 246 -25.11 -1.69 18.19
C SER A 246 -25.20 -2.50 19.47
N ARG A 247 -25.32 -1.83 20.61
CA ARG A 247 -25.47 -2.52 21.88
C ARG A 247 -26.71 -3.40 21.89
N GLU A 248 -27.82 -2.88 21.36
CA GLU A 248 -29.06 -3.66 21.32
C GLU A 248 -28.88 -4.98 20.57
N GLY A 249 -28.18 -4.95 19.44
CA GLY A 249 -27.91 -6.17 18.71
C GLY A 249 -26.77 -6.99 19.22
N GLY A 250 -26.15 -6.59 20.34
CA GLY A 250 -25.03 -7.32 20.86
C GLY A 250 -23.77 -7.19 20.03
N VAL A 251 -23.62 -6.08 19.31
CA VAL A 251 -22.47 -5.85 18.44
C VAL A 251 -21.53 -4.88 19.12
N SER A 252 -20.25 -5.24 19.15
CA SER A 252 -19.22 -4.37 19.74
C SER A 252 -19.17 -3.04 19.01
N THR A 253 -18.85 -1.98 19.77
CA THR A 253 -18.66 -0.65 19.21
C THR A 253 -17.19 -0.29 19.06
N SER A 254 -16.28 -1.26 19.19
CA SER A 254 -14.85 -0.96 19.21
C SER A 254 -14.38 -0.30 17.92
N LEU A 255 -14.99 -0.63 16.79
CA LEU A 255 -14.55 -0.04 15.52
C LEU A 255 -14.98 1.42 15.41
N LEU A 256 -16.06 1.81 16.08
CA LEU A 256 -16.64 3.13 15.93
C LEU A 256 -16.26 4.10 17.04
N GLU A 257 -15.87 3.61 18.22
CA GLU A 257 -15.54 4.50 19.33
C GLU A 257 -14.50 5.56 18.99
N PRO A 258 -13.39 5.25 18.29
CA PRO A 258 -12.42 6.33 17.97
C PRO A 258 -12.98 7.41 17.05
N VAL A 259 -13.92 7.07 16.17
CA VAL A 259 -14.56 8.11 15.37
C VAL A 259 -15.49 8.94 16.23
N ARG A 260 -16.18 8.30 17.17
CA ARG A 260 -17.01 9.04 18.12
C ARG A 260 -16.19 10.02 18.94
N ARG A 261 -15.03 9.57 19.44
CA ARG A 261 -14.17 10.46 20.22
C ARG A 261 -13.66 11.61 19.37
N LEU A 262 -13.26 11.34 18.13
CA LEU A 262 -12.76 12.40 17.25
C LEU A 262 -13.82 13.47 17.02
N LEU A 263 -15.07 13.05 16.80
CA LEU A 263 -16.16 14.01 16.63
C LEU A 263 -16.39 14.83 17.89
N ASP A 264 -16.40 14.17 19.05
CA ASP A 264 -16.58 14.87 20.31
C ASP A 264 -15.42 15.83 20.58
N ASP A 265 -14.20 15.48 20.17
CA ASP A 265 -13.07 16.38 20.32
C ASP A 265 -13.26 17.65 19.50
N ALA A 266 -13.70 17.51 18.25
CA ALA A 266 -13.90 18.68 17.40
C ALA A 266 -14.98 19.60 17.96
N VAL A 267 -16.01 19.02 18.58
CA VAL A 267 -17.05 19.82 19.22
C VAL A 267 -16.47 20.56 20.42
N ARG A 268 -15.74 19.85 21.28
CA ARG A 268 -15.10 20.48 22.44
C ARG A 268 -14.09 21.54 22.00
N ALA A 269 -13.49 21.39 20.82
CA ALA A 269 -12.56 22.37 20.30
C ALA A 269 -13.26 23.56 19.65
N GLY A 270 -14.59 23.60 19.67
CA GLY A 270 -15.34 24.70 19.10
C GLY A 270 -15.63 24.59 17.62
N HIS A 271 -15.40 23.41 17.02
CA HIS A 271 -15.61 23.15 15.60
C HIS A 271 -16.94 22.46 15.31
N GLY A 272 -17.92 22.60 16.19
CA GLY A 272 -19.20 21.92 16.00
C GLY A 272 -19.93 22.32 14.74
N ALA A 273 -19.68 23.51 14.21
CA ALA A 273 -20.31 23.99 12.99
C ALA A 273 -19.49 23.70 11.74
N ASP A 274 -18.29 23.14 11.89
CA ASP A 274 -17.44 22.86 10.76
C ASP A 274 -17.79 21.52 10.12
N GLY A 275 -17.21 21.27 8.94
CA GLY A 275 -17.32 19.99 8.30
C GLY A 275 -16.26 19.01 8.77
N LEU A 276 -16.29 17.82 8.17
CA LEU A 276 -15.38 16.74 8.59
C LEU A 276 -13.92 17.05 8.30
N SER A 277 -13.64 18.03 7.41
CA SER A 277 -12.26 18.39 7.14
C SER A 277 -11.54 18.93 8.37
N ALA A 278 -12.29 19.37 9.38
CA ALA A 278 -11.68 19.85 10.62
C ALA A 278 -11.11 18.73 11.48
N LEU A 279 -11.40 17.46 11.15
CA LEU A 279 -10.89 16.35 11.93
C LEU A 279 -9.45 15.99 11.58
N VAL A 280 -8.96 16.41 10.41
CA VAL A 280 -7.63 16.00 9.97
C VAL A 280 -6.55 16.53 10.91
N ASP A 281 -6.61 17.82 11.25
CA ASP A 281 -5.65 18.40 12.18
C ASP A 281 -5.72 17.74 13.55
N LEU A 282 -6.91 17.27 13.94
CA LEU A 282 -7.07 16.64 15.25
C LEU A 282 -6.27 15.34 15.37
N LEU A 283 -5.89 14.73 14.23
CA LEU A 283 -5.07 13.53 14.27
C LEU A 283 -3.59 13.82 14.44
N ARG A 284 -3.20 15.09 14.47
CA ARG A 284 -1.79 15.46 14.60
C ARG A 284 -1.32 15.21 16.03
N GLN A 285 -0.31 14.37 16.19
CA GLN A 285 0.47 14.35 17.42
C GLN A 285 1.70 15.23 17.32
N SER A 286 2.00 15.72 16.12
CA SER A 286 3.22 16.44 15.78
C SER A 286 4.45 15.64 16.20
#